data_9IAT
#
_entry.id   9IAT
#
_cell.length_a   72.638
_cell.length_b   72.638
_cell.length_c   153.694
_cell.angle_alpha   90.000
_cell.angle_beta   90.000
_cell.angle_gamma   120.000
#
_symmetry.space_group_name_H-M   'P 31 2 1'
#
loop_
_entity.id
_entity.type
_entity.pdbx_description
1 polymer Bc8.121-Fab_IgH
2 polymer Bc8.121-Fab_IgL
3 non-polymer 1,2-ETHANEDIOL
4 water water
#
loop_
_entity_poly.entity_id
_entity_poly.type
_entity_poly.pdbx_seq_one_letter_code
_entity_poly.pdbx_strand_id
1 'polypeptide(L)'
;EVQLVESGGGLVQPGGSLRLSCVASGFTFSRFEMNWVRQAPGKGLEWVSYISNSGETQYYADSVKGRFIVSRDNAKNSLY
LQMNSLRADDTAIYYCLVVLDYWGQGALVTVSSASTKGPSVFPLAPSSKSTSGGTAALGCLVKDYFPEPVTVSWNSGALT
SGVHTFPAVLQSSGLYSLSSVVTVPSSSLGTQTYICNVNHKPSNTKVDKKVEPKSCDKTHHHHHH
;
B
2 'polypeptide(L)'
;QSVLTQAPSASGTPGQGVTIACSGSNSNIGNNYVYWYHQLPGTAPKLIIYTNDQRPSGVPDRFSGSKSGTSASLAISGLR
SEDEGDYYCAAWDDSLSSVLFGGGTKLTVLRQPKAAPSVTLFPPSSEELQANKATLVCLISDFYPGAVTVAWKADSSPVK
AGVETTTPSKQSNNKYAASSYLSLTPEQWKSHRSYSCQVTHEGSTVEKTVAPTECS
;
A
#
loop_
_chem_comp.id
_chem_comp.type
_chem_comp.name
_chem_comp.formula
EDO non-polymer 1,2-ETHANEDIOL 'C2 H6 O2'
#
# COMPACT_ATOMS: atom_id res chain seq x y z
N GLU A 1 -2.66 22.59 -23.63
CA GLU A 1 -2.98 21.48 -22.73
C GLU A 1 -3.13 21.98 -21.29
N VAL A 2 -3.93 21.26 -20.50
CA VAL A 2 -4.05 21.55 -19.08
C VAL A 2 -2.74 21.21 -18.38
N GLN A 3 -2.24 22.14 -17.56
CA GLN A 3 -1.06 21.89 -16.73
C GLN A 3 -1.31 22.34 -15.31
N LEU A 4 -0.93 21.50 -14.35
CA LEU A 4 -1.00 21.79 -12.93
C LEU A 4 0.36 21.48 -12.34
N VAL A 5 1.02 22.50 -11.79
CA VAL A 5 2.39 22.36 -11.31
C VAL A 5 2.38 22.57 -9.80
N GLU A 6 2.62 21.50 -9.05
CA GLU A 6 2.67 21.58 -7.60
C GLU A 6 4.06 21.94 -7.11
N SER A 7 4.11 22.59 -5.95
CA SER A 7 5.39 22.86 -5.30
C SER A 7 5.14 23.04 -3.81
N GLY A 8 6.22 23.13 -3.05
CA GLY A 8 6.12 23.34 -1.63
C GLY A 8 6.16 22.10 -0.78
N GLY A 9 6.38 20.93 -1.38
CA GLY A 9 6.51 19.70 -0.62
C GLY A 9 7.88 19.55 0.03
N GLY A 10 8.08 18.40 0.67
CA GLY A 10 9.38 18.11 1.25
C GLY A 10 9.23 17.50 2.62
N LEU A 11 10.34 17.49 3.35
CA LEU A 11 10.41 16.88 4.66
C LEU A 11 10.05 17.92 5.71
N VAL A 12 9.17 17.54 6.64
CA VAL A 12 8.73 18.41 7.72
C VAL A 12 8.58 17.56 8.97
N GLN A 13 8.58 18.28 10.25
CA GLN A 13 8.56 17.43 11.44
C GLN A 13 7.16 17.36 12.04
N PRO A 14 6.82 16.27 12.74
CA PRO A 14 5.42 16.04 13.12
C PRO A 14 4.93 17.08 14.11
N GLY A 15 3.74 17.60 13.83
CA GLY A 15 3.24 18.80 14.45
C GLY A 15 3.54 20.05 13.66
N GLY A 16 4.55 20.02 12.79
CA GLY A 16 4.85 21.12 11.90
C GLY A 16 3.77 21.37 10.87
N SER A 17 4.13 22.02 9.77
CA SER A 17 3.11 22.41 8.78
C SER A 17 3.79 22.80 7.48
N LEU A 18 3.01 22.84 6.40
CA LEU A 18 3.58 23.06 5.09
C LEU A 18 2.55 23.74 4.21
N ARG A 19 3.03 24.35 3.12
CA ARG A 19 2.18 25.10 2.19
C ARG A 19 2.37 24.57 0.77
N LEU A 20 1.42 23.77 0.28
CA LEU A 20 1.48 23.35 -1.10
C LEU A 20 0.94 24.45 -1.99
N SER A 21 1.57 24.59 -3.15
CA SER A 21 1.08 25.48 -4.19
C SER A 21 0.91 24.68 -5.47
N CYS A 22 -0.08 25.06 -6.26
CA CYS A 22 -0.36 24.44 -7.53
C CYS A 22 -0.67 25.57 -8.49
N VAL A 23 0.11 25.69 -9.56
CA VAL A 23 -0.03 26.77 -10.54
C VAL A 23 -0.65 26.20 -11.80
N ALA A 24 -1.74 26.82 -12.27
CA ALA A 24 -2.53 26.28 -13.36
C ALA A 24 -2.21 26.97 -14.68
N SER A 25 -2.35 26.23 -15.78
CA SER A 25 -2.23 26.83 -17.11
C SER A 25 -3.01 25.99 -18.11
N GLY A 26 -3.41 26.64 -19.20
CA GLY A 26 -4.12 25.97 -20.28
C GLY A 26 -5.62 25.88 -20.15
N PHE A 27 -6.22 26.56 -19.18
CA PHE A 27 -7.66 26.58 -18.96
C PHE A 27 -7.99 27.79 -18.11
N THR A 28 -9.27 28.17 -18.09
CA THR A 28 -9.72 29.33 -17.33
C THR A 28 -9.88 28.91 -15.87
N PHE A 29 -8.79 29.05 -15.12
CA PHE A 29 -8.71 28.57 -13.74
C PHE A 29 -9.90 29.02 -12.90
N SER A 30 -10.30 30.29 -13.00
CA SER A 30 -11.33 30.85 -12.13
C SER A 30 -12.72 30.31 -12.44
N ARG A 31 -12.91 29.58 -13.53
CA ARG A 31 -14.21 28.98 -13.80
C ARG A 31 -14.45 27.71 -13.00
N PHE A 32 -13.40 27.07 -12.50
CA PHE A 32 -13.49 25.67 -12.08
C PHE A 32 -13.19 25.49 -10.60
N GLU A 33 -13.99 24.63 -9.98
CA GLU A 33 -13.62 24.08 -8.68
C GLU A 33 -12.33 23.29 -8.79
N MET A 34 -11.63 23.21 -7.66
CA MET A 34 -10.37 22.49 -7.53
C MET A 34 -10.45 21.54 -6.34
N ASN A 35 -9.66 20.47 -6.39
CA ASN A 35 -9.56 19.52 -5.30
C ASN A 35 -8.10 19.17 -5.05
N TRP A 36 -7.82 18.73 -3.82
CA TRP A 36 -6.55 18.12 -3.46
C TRP A 36 -6.84 16.67 -3.10
N VAL A 37 -6.02 15.76 -3.61
CA VAL A 37 -6.12 14.33 -3.30
C VAL A 37 -4.72 13.86 -2.94
N ARG A 38 -4.62 12.87 -2.05
CA ARG A 38 -3.32 12.41 -1.61
C ARG A 38 -3.26 10.88 -1.64
N GLN A 39 -2.04 10.37 -1.61
CA GLN A 39 -1.79 8.93 -1.79
C GLN A 39 -0.59 8.57 -0.91
N ALA A 40 -0.87 7.91 0.22
CA ALA A 40 0.21 7.48 1.09
C ALA A 40 1.03 6.42 0.38
N PRO A 41 2.35 6.34 0.67
CA PRO A 41 3.20 5.37 -0.03
C PRO A 41 2.64 3.95 0.03
N GLY A 42 2.37 3.38 -1.14
CA GLY A 42 1.84 2.03 -1.24
C GLY A 42 0.34 1.91 -1.18
N LYS A 43 -0.39 3.01 -0.95
CA LYS A 43 -1.81 2.95 -0.61
C LYS A 43 -2.66 3.55 -1.72
N GLY A 44 -3.97 3.53 -1.50
CA GLY A 44 -4.91 4.04 -2.47
C GLY A 44 -5.01 5.55 -2.41
N LEU A 45 -6.04 6.07 -3.09
CA LEU A 45 -6.28 7.49 -3.21
C LEU A 45 -7.23 7.95 -2.11
N GLU A 46 -6.95 9.13 -1.54
CA GLU A 46 -7.74 9.68 -0.44
C GLU A 46 -7.95 11.16 -0.72
N TRP A 47 -9.21 11.54 -0.94
CA TRP A 47 -9.55 12.95 -1.12
C TRP A 47 -9.30 13.75 0.15
N VAL A 48 -8.84 15.01 -0.02
CA VAL A 48 -8.43 15.87 1.08
C VAL A 48 -9.33 17.10 1.20
N SER A 49 -9.51 17.85 0.11
CA SER A 49 -10.26 19.09 0.20
C SER A 49 -10.78 19.50 -1.16
N TYR A 50 -11.89 20.25 -1.13
CA TYR A 50 -12.56 20.85 -2.27
C TYR A 50 -12.61 22.36 -2.06
N ILE A 51 -12.52 23.12 -3.15
CA ILE A 51 -12.74 24.56 -3.07
C ILE A 51 -13.46 25.01 -4.33
N SER A 52 -14.47 25.84 -4.17
CA SER A 52 -15.26 26.29 -5.31
C SER A 52 -14.48 27.29 -6.17
N ASN A 53 -15.02 27.54 -7.37
CA ASN A 53 -14.34 28.41 -8.34
C ASN A 53 -14.06 29.79 -7.75
N SER A 54 -15.01 30.36 -7.00
CA SER A 54 -14.83 31.67 -6.38
C SER A 54 -13.97 31.61 -5.13
N GLY A 55 -13.82 30.44 -4.52
CA GLY A 55 -13.12 30.32 -3.27
C GLY A 55 -14.00 30.41 -2.04
N GLU A 56 -15.28 30.76 -2.20
CA GLU A 56 -16.13 31.02 -1.04
C GLU A 56 -16.62 29.76 -0.33
N THR A 57 -16.48 28.58 -0.94
CA THR A 57 -16.97 27.32 -0.34
C THR A 57 -15.82 26.34 -0.28
N GLN A 58 -15.64 25.70 0.87
CA GLN A 58 -14.63 24.65 1.00
C GLN A 58 -15.24 23.45 1.70
N TYR A 59 -14.68 22.28 1.42
CA TYR A 59 -15.03 21.05 2.12
C TYR A 59 -13.75 20.27 2.40
N TYR A 60 -13.72 19.57 3.54
CA TYR A 60 -12.53 18.85 3.96
C TYR A 60 -12.88 17.42 4.32
N ALA A 61 -11.91 16.53 4.12
CA ALA A 61 -12.03 15.17 4.65
C ALA A 61 -12.08 15.21 6.16
N ASP A 62 -12.86 14.29 6.75
CA ASP A 62 -12.96 14.22 8.20
C ASP A 62 -11.57 14.02 8.82
N SER A 63 -10.71 13.25 8.16
CA SER A 63 -9.34 13.04 8.61
C SER A 63 -8.54 14.33 8.70
N VAL A 64 -9.05 15.44 8.17
CA VAL A 64 -8.21 16.61 7.99
C VAL A 64 -8.90 17.85 8.53
N LYS A 65 -10.18 17.72 8.88
CA LYS A 65 -10.97 18.87 9.33
C LYS A 65 -10.36 19.51 10.57
N GLY A 66 -10.27 20.84 10.54
CA GLY A 66 -9.65 21.59 11.61
C GLY A 66 -8.15 21.71 11.53
N ARG A 67 -7.50 21.08 10.56
CA ARG A 67 -6.05 21.07 10.44
C ARG A 67 -5.54 21.62 9.11
N PHE A 68 -6.27 21.42 8.01
CA PHE A 68 -5.84 21.96 6.72
C PHE A 68 -6.79 23.07 6.29
N ILE A 69 -6.29 23.98 5.47
CA ILE A 69 -7.07 25.07 4.87
C ILE A 69 -6.72 25.15 3.39
N VAL A 70 -7.73 25.00 2.54
CA VAL A 70 -7.55 25.15 1.10
C VAL A 70 -7.91 26.58 0.72
N SER A 71 -7.17 27.14 -0.22
CA SER A 71 -7.42 28.51 -0.67
C SER A 71 -6.94 28.62 -2.11
N ARG A 72 -7.26 29.74 -2.74
CA ARG A 72 -6.86 29.96 -4.13
C ARG A 72 -6.72 31.45 -4.38
N ASP A 73 -5.86 31.79 -5.33
CA ASP A 73 -5.68 33.16 -5.80
C ASP A 73 -5.95 33.15 -7.29
N ASN A 74 -7.17 33.53 -7.67
CA ASN A 74 -7.53 33.51 -9.08
C ASN A 74 -6.78 34.56 -9.88
N ALA A 75 -6.23 35.58 -9.24
CA ALA A 75 -5.39 36.55 -9.95
C ALA A 75 -4.05 35.95 -10.33
N LYS A 76 -3.54 35.03 -9.51
CA LYS A 76 -2.27 34.36 -9.78
C LYS A 76 -2.46 32.96 -10.32
N ASN A 77 -3.71 32.56 -10.58
CA ASN A 77 -4.04 31.24 -11.09
C ASN A 77 -3.38 30.13 -10.27
N SER A 78 -3.50 30.26 -8.96
CA SER A 78 -2.83 29.37 -8.02
C SER A 78 -3.83 28.78 -7.02
N LEU A 79 -3.65 27.50 -6.74
CA LEU A 79 -4.35 26.80 -5.67
C LEU A 79 -3.35 26.51 -4.55
N TYR A 80 -3.80 26.63 -3.30
CA TYR A 80 -2.93 26.39 -2.16
C TYR A 80 -3.56 25.39 -1.20
N LEU A 81 -2.70 24.74 -0.40
CA LEU A 81 -3.15 23.88 0.69
C LEU A 81 -2.29 24.18 1.90
N GLN A 82 -2.90 24.75 2.94
CA GLN A 82 -2.24 25.05 4.21
C GLN A 82 -2.47 23.87 5.14
N MET A 83 -1.42 23.09 5.39
CA MET A 83 -1.52 21.86 6.15
C MET A 83 -0.92 22.10 7.52
N ASN A 84 -1.75 22.18 8.55
CA ASN A 84 -1.29 22.47 9.90
C ASN A 84 -1.27 21.22 10.78
N SER A 85 -0.40 21.25 11.78
CA SER A 85 -0.22 20.18 12.76
C SER A 85 -0.04 18.84 12.06
N LEU A 86 1.05 18.75 11.31
CA LEU A 86 1.28 17.59 10.46
C LEU A 86 1.66 16.38 11.29
N ARG A 87 1.11 15.22 10.92
CA ARG A 87 1.34 13.98 11.62
C ARG A 87 1.62 12.87 10.62
N ALA A 88 2.19 11.78 11.14
CA ALA A 88 2.75 10.73 10.29
C ALA A 88 1.73 10.20 9.28
N ASP A 89 0.46 10.11 9.68
CA ASP A 89 -0.59 9.69 8.76
C ASP A 89 -0.72 10.61 7.54
N ASP A 90 -0.15 11.82 7.59
CA ASP A 90 -0.25 12.76 6.47
C ASP A 90 0.81 12.56 5.40
N THR A 91 1.80 11.71 5.64
CA THR A 91 2.84 11.44 4.66
C THR A 91 2.21 10.85 3.41
N ALA A 92 2.40 11.51 2.26
CA ALA A 92 1.72 11.09 1.04
C ALA A 92 2.23 11.95 -0.12
N ILE A 93 1.98 11.48 -1.34
CA ILE A 93 2.06 12.36 -2.50
C ILE A 93 0.75 13.10 -2.61
N TYR A 94 0.83 14.43 -2.71
CA TYR A 94 -0.35 15.28 -2.79
C TYR A 94 -0.52 15.77 -4.21
N TYR A 95 -1.72 15.58 -4.77
CA TYR A 95 -2.06 15.97 -6.13
C TYR A 95 -3.07 17.11 -6.11
N CYS A 96 -2.88 18.13 -6.95
CA CYS A 96 -3.95 19.06 -7.20
C CYS A 96 -4.75 18.60 -8.42
N LEU A 97 -6.04 18.88 -8.40
CA LEU A 97 -6.95 18.48 -9.47
C LEU A 97 -7.82 19.64 -9.89
N VAL A 98 -8.06 19.78 -11.18
CA VAL A 98 -9.11 20.69 -11.63
C VAL A 98 -10.37 19.86 -11.77
N VAL A 99 -11.43 20.31 -11.10
CA VAL A 99 -12.63 19.50 -10.86
C VAL A 99 -12.16 18.13 -10.37
N LEU A 100 -12.56 17.05 -11.04
CA LEU A 100 -12.02 15.71 -10.77
C LEU A 100 -11.44 15.13 -12.06
N ASP A 101 -10.88 15.99 -12.91
CA ASP A 101 -10.66 15.67 -14.32
C ASP A 101 -9.19 15.51 -14.71
N TYR A 102 -8.30 16.33 -14.16
CA TYR A 102 -6.90 16.36 -14.54
CA TYR A 102 -6.91 16.30 -14.53
C TYR A 102 -6.08 16.50 -13.28
N TRP A 103 -5.01 15.72 -13.17
CA TRP A 103 -4.20 15.67 -11.97
C TRP A 103 -2.81 16.25 -12.21
N GLY A 104 -2.28 17.01 -11.26
CA GLY A 104 -0.88 17.34 -11.31
C GLY A 104 -0.02 16.11 -11.11
N GLN A 105 1.29 16.28 -11.29
CA GLN A 105 2.15 15.13 -11.08
C GLN A 105 2.38 14.84 -9.61
N GLY A 106 2.03 15.75 -8.72
CA GLY A 106 2.10 15.41 -7.32
C GLY A 106 3.35 15.94 -6.65
N ALA A 107 3.22 16.27 -5.37
CA ALA A 107 4.31 16.74 -4.53
C ALA A 107 4.39 15.86 -3.30
N LEU A 108 5.58 15.32 -3.02
CA LEU A 108 5.77 14.43 -1.88
C LEU A 108 5.91 15.25 -0.59
N VAL A 109 5.12 14.88 0.41
CA VAL A 109 5.19 15.43 1.77
C VAL A 109 5.57 14.31 2.71
N THR A 110 6.68 14.45 3.43
CA THR A 110 7.15 13.45 4.36
C THR A 110 7.09 14.01 5.77
N VAL A 111 6.29 13.37 6.63
CA VAL A 111 6.06 13.82 8.00
C VAL A 111 6.79 12.85 8.93
N SER A 112 7.96 13.24 9.41
CA SER A 112 8.73 12.35 10.27
C SER A 112 9.69 13.15 11.13
N SER A 113 9.89 12.67 12.36
CA SER A 113 10.97 13.13 13.23
C SER A 113 12.15 12.19 13.20
N ALA A 114 12.17 11.26 12.26
CA ALA A 114 13.25 10.29 12.18
C ALA A 114 14.55 10.98 11.81
N SER A 115 15.61 10.64 12.53
CA SER A 115 16.96 10.95 12.08
C SER A 115 17.60 9.65 11.60
N THR A 116 18.87 9.73 11.20
CA THR A 116 19.57 8.54 10.78
C THR A 116 19.58 7.49 11.90
N LYS A 117 19.21 6.27 11.55
CA LYS A 117 19.10 5.20 12.55
C LYS A 117 19.34 3.87 11.87
N GLY A 118 20.29 3.10 12.39
CA GLY A 118 20.55 1.78 11.86
C GLY A 118 19.51 0.80 12.34
N PRO A 119 19.36 -0.32 11.64
CA PRO A 119 18.30 -1.27 11.98
C PRO A 119 18.65 -2.15 13.16
N SER A 120 17.60 -2.67 13.79
CA SER A 120 17.69 -3.80 14.70
C SER A 120 17.31 -5.04 13.90
N VAL A 121 18.12 -6.08 13.99
CA VAL A 121 17.91 -7.28 13.17
C VAL A 121 17.53 -8.41 14.10
N PHE A 122 16.38 -9.02 13.80
CA PHE A 122 15.84 -10.10 14.57
C PHE A 122 15.69 -11.34 13.72
N PRO A 123 15.88 -12.52 14.30
CA PRO A 123 15.79 -13.75 13.50
C PRO A 123 14.35 -14.21 13.38
N LEU A 124 14.04 -14.77 12.23
CA LEU A 124 12.76 -15.42 11.98
C LEU A 124 13.10 -16.90 11.93
N ALA A 125 12.97 -17.56 13.07
CA ALA A 125 13.49 -18.91 13.22
C ALA A 125 12.62 -19.92 12.49
N PRO A 126 13.22 -20.95 11.91
CA PRO A 126 12.42 -22.03 11.30
C PRO A 126 11.72 -22.86 12.36
N SER A 127 10.47 -23.23 12.05
CA SER A 127 9.68 -24.07 12.96
C SER A 127 10.32 -25.44 13.14
N SER A 128 10.44 -25.89 14.39
CA SER A 128 11.19 -27.10 14.71
C SER A 128 10.60 -28.35 14.09
N LYS A 129 9.30 -28.38 13.78
CA LYS A 129 8.70 -29.60 13.25
C LYS A 129 8.94 -29.77 11.76
N SER A 130 9.09 -28.68 11.01
CA SER A 130 9.43 -28.78 9.60
C SER A 130 10.94 -28.87 9.43
N THR A 131 11.64 -29.45 10.41
CA THR A 131 13.08 -29.63 10.37
C THR A 131 13.50 -31.10 10.23
N SER A 132 12.55 -32.01 10.04
CA SER A 132 12.86 -33.42 9.84
C SER A 132 12.93 -33.78 8.36
N GLY A 133 11.81 -33.68 7.64
CA GLY A 133 11.79 -33.94 6.22
C GLY A 133 11.15 -32.80 5.47
N GLY A 134 11.66 -32.55 4.26
CA GLY A 134 11.15 -31.49 3.43
C GLY A 134 11.94 -30.20 3.51
N THR A 135 11.26 -29.06 3.38
CA THR A 135 11.93 -27.77 3.33
C THR A 135 11.40 -26.87 4.44
N ALA A 136 12.18 -25.84 4.79
CA ALA A 136 11.83 -24.93 5.87
C ALA A 136 12.20 -23.50 5.50
N ALA A 137 11.38 -22.57 5.97
CA ALA A 137 11.60 -21.14 5.75
C ALA A 137 12.19 -20.52 7.00
N LEU A 138 13.23 -19.70 6.82
CA LEU A 138 13.80 -18.90 7.89
C LEU A 138 14.13 -17.54 7.34
N GLY A 139 14.39 -16.59 8.24
CA GLY A 139 14.60 -15.26 7.72
C GLY A 139 15.14 -14.30 8.75
N CYS A 140 15.13 -13.03 8.37
CA CYS A 140 15.56 -11.93 9.23
C CYS A 140 14.55 -10.80 9.11
N LEU A 141 14.20 -10.23 10.25
CA LEU A 141 13.36 -9.04 10.31
C LEU A 141 14.28 -7.86 10.57
N VAL A 142 14.32 -6.91 9.64
CA VAL A 142 15.20 -5.75 9.69
C VAL A 142 14.35 -4.56 10.11
N LYS A 143 14.48 -4.14 11.36
CA LYS A 143 13.46 -3.31 11.99
C LYS A 143 13.96 -1.89 12.23
N ASP A 144 13.12 -0.91 11.90
CA ASP A 144 13.21 0.45 12.43
C ASP A 144 14.48 1.19 12.01
N TYR A 145 14.71 1.33 10.71
CA TYR A 145 15.86 2.06 10.23
C TYR A 145 15.43 3.29 9.45
N PHE A 146 16.36 4.22 9.26
CA PHE A 146 16.07 5.42 8.49
C PHE A 146 17.38 6.06 8.05
N PRO A 147 17.46 6.58 6.82
CA PRO A 147 16.50 6.45 5.73
C PRO A 147 16.76 5.16 4.96
N GLU A 148 16.04 4.97 3.85
CA GLU A 148 16.40 3.96 2.88
C GLU A 148 17.76 4.29 2.26
N PRO A 149 18.46 3.29 1.70
CA PRO A 149 18.11 1.87 1.59
C PRO A 149 18.88 0.98 2.54
N VAL A 150 18.44 -0.27 2.67
CA VAL A 150 19.26 -1.33 3.23
C VAL A 150 19.44 -2.39 2.16
N THR A 151 20.52 -3.16 2.29
CA THR A 151 20.72 -4.35 1.50
C THR A 151 20.79 -5.54 2.43
N VAL A 152 20.28 -6.68 1.96
CA VAL A 152 20.31 -7.94 2.70
C VAL A 152 20.90 -8.99 1.78
N SER A 153 21.85 -9.76 2.32
CA SER A 153 22.36 -10.95 1.66
CA SER A 153 22.40 -10.93 1.67
C SER A 153 22.38 -12.07 2.68
N TRP A 154 22.61 -13.29 2.19
CA TRP A 154 22.68 -14.46 3.05
C TRP A 154 24.03 -15.12 2.88
N ASN A 155 24.65 -15.48 4.01
CA ASN A 155 25.95 -16.16 4.03
C ASN A 155 26.96 -15.46 3.14
N SER A 156 26.99 -14.13 3.25
CA SER A 156 27.96 -13.29 2.56
C SER A 156 27.87 -13.41 1.05
N GLY A 157 26.68 -13.72 0.54
CA GLY A 157 26.45 -13.84 -0.89
C GLY A 157 26.52 -15.26 -1.41
N ALA A 158 26.93 -16.22 -0.57
CA ALA A 158 27.04 -17.61 -0.98
C ALA A 158 25.68 -18.28 -1.11
N LEU A 159 24.64 -17.74 -0.48
CA LEU A 159 23.31 -18.32 -0.51
C LEU A 159 22.38 -17.36 -1.23
N THR A 160 21.97 -17.71 -2.44
CA THR A 160 21.02 -16.92 -3.21
C THR A 160 19.79 -17.69 -3.63
N SER A 161 19.89 -18.99 -3.85
CA SER A 161 18.74 -19.79 -4.24
C SER A 161 17.71 -19.82 -3.12
N GLY A 162 16.44 -19.68 -3.49
CA GLY A 162 15.38 -19.73 -2.50
C GLY A 162 15.25 -18.50 -1.64
N VAL A 163 15.93 -17.41 -1.96
CA VAL A 163 15.92 -16.17 -1.19
C VAL A 163 14.88 -15.23 -1.78
N HIS A 164 14.13 -14.56 -0.90
CA HIS A 164 13.34 -13.41 -1.32
C HIS A 164 13.47 -12.32 -0.27
N THR A 165 13.95 -11.15 -0.67
CA THR A 165 14.00 -9.99 0.19
C THR A 165 12.87 -9.05 -0.21
N PHE A 166 12.03 -8.70 0.76
CA PHE A 166 10.85 -7.89 0.51
C PHE A 166 11.17 -6.42 0.51
N PRO A 167 10.36 -5.61 -0.16
CA PRO A 167 10.47 -4.15 0.01
C PRO A 167 10.07 -3.74 1.43
N ALA A 168 10.45 -2.52 1.79
CA ALA A 168 10.23 -2.02 3.14
C ALA A 168 8.83 -1.44 3.30
N VAL A 169 8.33 -1.50 4.51
CA VAL A 169 7.17 -0.73 4.91
C VAL A 169 7.65 0.52 5.62
N LEU A 170 6.90 1.61 5.45
CA LEU A 170 7.11 2.85 6.19
C LEU A 170 6.10 2.89 7.32
N GLN A 171 6.59 2.84 8.56
CA GLN A 171 5.70 2.74 9.71
C GLN A 171 5.27 4.13 10.19
N SER A 172 4.25 4.14 11.05
CA SER A 172 3.74 5.40 11.58
C SER A 172 4.78 6.16 12.39
N SER A 173 5.89 5.52 12.73
CA SER A 173 6.99 6.20 13.40
C SER A 173 7.87 6.98 12.43
N GLY A 174 7.68 6.79 11.13
CA GLY A 174 8.60 7.33 10.14
C GLY A 174 9.81 6.46 9.85
N LEU A 175 9.95 5.33 10.55
CA LEU A 175 11.05 4.41 10.31
C LEU A 175 10.60 3.27 9.42
N TYR A 176 11.56 2.67 8.72
CA TYR A 176 11.31 1.58 7.80
C TYR A 176 11.61 0.24 8.44
N SER A 177 10.94 -0.81 7.96
CA SER A 177 11.27 -2.19 8.30
C SER A 177 11.06 -3.04 7.05
N LEU A 178 11.85 -4.11 6.92
CA LEU A 178 11.63 -5.08 5.86
C LEU A 178 12.00 -6.46 6.39
N SER A 179 11.77 -7.49 5.58
CA SER A 179 12.15 -8.85 5.93
C SER A 179 12.82 -9.51 4.73
N SER A 180 13.65 -10.50 5.03
CA SER A 180 14.24 -11.36 4.02
C SER A 180 14.03 -12.79 4.47
N VAL A 181 13.65 -13.65 3.54
CA VAL A 181 13.34 -15.04 3.87
C VAL A 181 14.06 -15.93 2.87
N VAL A 182 14.43 -17.13 3.32
CA VAL A 182 15.04 -18.13 2.45
C VAL A 182 14.50 -19.49 2.84
N THR A 183 14.25 -20.31 1.84
CA THR A 183 13.75 -21.67 2.03
C THR A 183 14.90 -22.65 1.81
N VAL A 184 15.13 -23.51 2.79
CA VAL A 184 16.31 -24.38 2.82
C VAL A 184 15.88 -25.81 3.11
N PRO A 185 16.70 -26.82 2.88
CA PRO A 185 16.33 -28.17 3.29
C PRO A 185 16.22 -28.25 4.81
N SER A 186 15.16 -28.92 5.27
CA SER A 186 15.00 -29.17 6.70
C SER A 186 16.20 -29.89 7.30
N SER A 187 16.73 -30.88 6.57
CA SER A 187 17.88 -31.64 7.06
C SER A 187 19.12 -30.80 7.26
N SER A 188 19.20 -29.61 6.65
CA SER A 188 20.38 -28.78 6.79
CA SER A 188 20.38 -28.76 6.78
C SER A 188 20.36 -27.93 8.06
N LEU A 189 19.21 -27.83 8.73
CA LEU A 189 19.13 -26.96 9.90
C LEU A 189 20.07 -27.40 11.00
N GLY A 190 20.40 -28.69 11.07
CA GLY A 190 21.37 -29.13 12.05
C GLY A 190 22.79 -28.75 11.69
N THR A 191 23.13 -28.81 10.39
CA THR A 191 24.52 -28.78 9.95
C THR A 191 24.96 -27.45 9.34
N GLN A 192 24.05 -26.69 8.75
CA GLN A 192 24.40 -25.52 7.96
C GLN A 192 24.12 -24.24 8.75
N THR A 193 25.09 -23.33 8.78
CA THR A 193 24.91 -22.02 9.40
C THR A 193 24.25 -21.06 8.43
N TYR A 194 23.28 -20.30 8.93
CA TYR A 194 22.57 -19.31 8.13
C TYR A 194 22.71 -17.95 8.81
N ILE A 195 23.28 -16.99 8.10
CA ILE A 195 23.53 -15.65 8.61
C ILE A 195 22.99 -14.67 7.59
N CYS A 196 22.13 -13.75 8.01
CA CYS A 196 21.74 -12.66 7.11
C CYS A 196 22.68 -11.49 7.34
N ASN A 197 23.15 -10.91 6.24
CA ASN A 197 24.07 -9.78 6.27
C ASN A 197 23.29 -8.54 5.87
N VAL A 198 23.14 -7.61 6.80
CA VAL A 198 22.37 -6.40 6.60
C VAL A 198 23.34 -5.22 6.51
N ASN A 199 23.14 -4.38 5.49
CA ASN A 199 24.00 -3.23 5.27
C ASN A 199 23.11 -1.99 5.21
N HIS A 200 23.37 -1.03 6.09
CA HIS A 200 22.66 0.26 6.09
C HIS A 200 23.70 1.35 5.94
N LYS A 201 24.06 1.65 4.69
CA LYS A 201 25.10 2.64 4.43
C LYS A 201 24.80 4.00 5.03
N PRO A 202 23.56 4.53 5.01
CA PRO A 202 23.35 5.87 5.56
C PRO A 202 23.79 6.03 7.02
N SER A 203 23.77 4.95 7.81
CA SER A 203 24.26 5.01 9.18
C SER A 203 25.61 4.34 9.37
N ASN A 204 26.25 3.88 8.29
CA ASN A 204 27.54 3.19 8.32
C ASN A 204 27.50 2.00 9.28
N THR A 205 26.39 1.28 9.23
CA THR A 205 26.14 0.11 10.07
C THR A 205 26.03 -1.12 9.19
N LYS A 206 26.71 -2.18 9.59
CA LYS A 206 26.50 -3.52 9.05
C LYS A 206 26.14 -4.43 10.21
N VAL A 207 25.17 -5.32 9.99
CA VAL A 207 24.77 -6.28 11.01
C VAL A 207 24.75 -7.67 10.39
N ASP A 208 25.42 -8.61 11.03
CA ASP A 208 25.32 -10.03 10.71
C ASP A 208 24.53 -10.70 11.82
N LYS A 209 23.46 -11.40 11.46
CA LYS A 209 22.60 -12.04 12.43
C LYS A 209 22.51 -13.53 12.12
N LYS A 210 22.97 -14.36 13.05
CA LYS A 210 22.84 -15.81 12.88
C LYS A 210 21.40 -16.20 13.20
N VAL A 211 20.80 -16.98 12.31
CA VAL A 211 19.43 -17.45 12.49
C VAL A 211 19.49 -18.94 12.79
N GLU A 212 19.10 -19.30 14.01
CA GLU A 212 19.18 -20.68 14.49
C GLU A 212 17.80 -21.25 14.72
N PRO A 213 17.67 -22.58 14.67
CA PRO A 213 16.40 -23.20 15.04
C PRO A 213 16.02 -22.83 16.47
N LYS A 214 14.72 -22.79 16.73
CA LYS A 214 14.22 -22.54 18.06
C LYS A 214 13.98 -23.87 18.78
N SER A 215 14.18 -23.87 20.09
CA SER A 215 13.93 -25.05 20.92
C SER A 215 12.43 -25.20 21.19
N CYS A 216 11.68 -25.31 20.08
CA CYS A 216 10.22 -25.14 20.04
C CYS A 216 9.76 -23.79 20.60
N SER B 2 -19.58 5.15 5.36
CA SER B 2 -19.81 4.74 3.97
C SER B 2 -18.49 4.66 3.20
N VAL B 3 -18.33 3.59 2.43
CA VAL B 3 -17.12 3.36 1.63
C VAL B 3 -17.53 2.84 0.25
N LEU B 4 -16.68 3.09 -0.74
CA LEU B 4 -16.81 2.48 -2.05
C LEU B 4 -15.99 1.21 -2.10
N THR B 5 -16.59 0.13 -2.57
CA THR B 5 -15.97 -1.19 -2.54
C THR B 5 -15.57 -1.64 -3.94
N GLN B 6 -14.29 -1.96 -4.11
CA GLN B 6 -13.77 -2.54 -5.34
C GLN B 6 -13.10 -3.88 -5.04
N ALA B 7 -13.19 -4.79 -5.99
CA ALA B 7 -12.43 -6.03 -5.88
C ALA B 7 -10.94 -5.75 -6.09
N PRO B 8 -10.06 -6.46 -5.39
CA PRO B 8 -8.62 -6.18 -5.53
C PRO B 8 -8.06 -6.44 -6.91
N SER B 9 -8.65 -7.36 -7.69
CA SER B 9 -8.00 -7.87 -8.88
C SER B 9 -9.04 -8.09 -9.98
N ALA B 10 -8.64 -7.79 -11.21
CA ALA B 10 -9.38 -8.14 -12.41
C ALA B 10 -8.35 -8.56 -13.46
N SER B 11 -8.71 -9.50 -14.31
CA SER B 11 -7.68 -10.03 -15.19
C SER B 11 -8.31 -10.68 -16.41
N GLY B 12 -7.52 -10.79 -17.48
CA GLY B 12 -7.90 -11.53 -18.66
C GLY B 12 -6.70 -11.71 -19.55
N THR B 13 -6.83 -12.63 -20.50
CA THR B 13 -5.74 -12.81 -21.47
C THR B 13 -5.81 -11.70 -22.52
N PRO B 14 -4.74 -11.50 -23.28
CA PRO B 14 -4.77 -10.46 -24.32
C PRO B 14 -5.99 -10.61 -25.23
N GLY B 15 -6.72 -9.51 -25.40
CA GLY B 15 -7.88 -9.51 -26.26
C GLY B 15 -9.19 -9.81 -25.56
N GLN B 16 -9.16 -10.31 -24.34
CA GLN B 16 -10.40 -10.56 -23.63
C GLN B 16 -10.98 -9.26 -23.09
N GLY B 17 -12.23 -9.34 -22.64
CA GLY B 17 -12.87 -8.25 -21.95
C GLY B 17 -12.91 -8.52 -20.46
N VAL B 18 -13.03 -7.45 -19.69
CA VAL B 18 -13.15 -7.53 -18.25
C VAL B 18 -14.08 -6.42 -17.78
N THR B 19 -14.73 -6.65 -16.65
CA THR B 19 -15.59 -5.66 -16.01
C THR B 19 -15.08 -5.42 -14.60
N ILE B 20 -14.94 -4.15 -14.23
CA ILE B 20 -14.49 -3.74 -12.90
C ILE B 20 -15.66 -3.08 -12.21
N ALA B 21 -16.06 -3.64 -11.07
CA ALA B 21 -17.25 -3.19 -10.36
C ALA B 21 -16.87 -2.18 -9.29
N CYS B 22 -17.81 -1.29 -8.98
CA CYS B 22 -17.68 -0.35 -7.89
C CYS B 22 -19.02 -0.32 -7.19
N SER B 23 -19.05 -0.70 -5.92
CA SER B 23 -20.31 -0.83 -5.19
C SER B 23 -20.34 0.17 -4.06
N GLY B 24 -21.45 0.91 -3.96
CA GLY B 24 -21.60 1.90 -2.92
C GLY B 24 -22.95 1.86 -2.23
N SER B 25 -23.54 3.04 -2.04
CA SER B 25 -24.82 3.16 -1.34
C SER B 25 -25.52 4.42 -1.83
N ASN B 26 -26.69 4.70 -1.26
CA ASN B 26 -27.48 5.82 -1.79
C ASN B 26 -26.81 7.16 -1.54
N SER B 27 -26.11 7.33 -0.42
CA SER B 27 -25.47 8.61 -0.15
C SER B 27 -24.42 8.96 -1.19
N ASN B 28 -23.83 7.97 -1.85
CA ASN B 28 -22.80 8.29 -2.84
C ASN B 28 -23.22 7.84 -4.24
N ILE B 29 -22.87 6.61 -4.66
CA ILE B 29 -23.10 6.18 -6.03
C ILE B 29 -24.58 6.28 -6.41
N GLY B 30 -25.47 6.05 -5.45
CA GLY B 30 -26.89 6.01 -5.76
C GLY B 30 -27.41 7.31 -6.33
N ASN B 31 -26.87 8.44 -5.87
CA ASN B 31 -27.36 9.75 -6.29
C ASN B 31 -26.33 10.61 -6.98
N ASN B 32 -25.07 10.21 -6.99
CA ASN B 32 -23.99 11.08 -7.44
C ASN B 32 -23.24 10.46 -8.61
N TYR B 33 -22.48 11.30 -9.29
CA TYR B 33 -21.75 10.88 -10.48
C TYR B 33 -20.52 10.08 -10.10
N VAL B 34 -20.21 9.08 -10.92
CA VAL B 34 -19.07 8.19 -10.70
C VAL B 34 -17.99 8.52 -11.72
N TYR B 35 -16.75 8.61 -11.23
CA TYR B 35 -15.57 8.83 -12.04
C TYR B 35 -14.67 7.61 -11.94
N TRP B 36 -13.93 7.34 -13.00
CA TRP B 36 -12.97 6.24 -13.03
C TRP B 36 -11.60 6.75 -13.47
N TYR B 37 -10.56 6.22 -12.82
CA TYR B 37 -9.18 6.62 -13.07
C TYR B 37 -8.30 5.40 -13.28
N HIS B 38 -7.27 5.57 -14.10
CA HIS B 38 -6.24 4.55 -14.34
C HIS B 38 -4.93 5.10 -13.83
N GLN B 39 -4.21 4.31 -13.03
CA GLN B 39 -2.92 4.77 -12.52
C GLN B 39 -1.85 3.71 -12.77
N LEU B 40 -0.71 4.13 -13.32
CA LEU B 40 0.49 3.34 -13.25
C LEU B 40 1.27 3.74 -12.01
N PRO B 41 1.61 2.81 -11.11
CA PRO B 41 2.38 3.19 -9.92
C PRO B 41 3.61 4.01 -10.30
N GLY B 42 3.82 5.11 -9.57
CA GLY B 42 4.90 6.02 -9.87
C GLY B 42 4.48 7.28 -10.58
N THR B 43 3.27 7.31 -11.14
CA THR B 43 2.79 8.49 -11.85
C THR B 43 1.34 8.74 -11.49
N ALA B 44 0.89 9.98 -11.70
CA ALA B 44 -0.43 10.39 -11.26
C ALA B 44 -1.53 9.67 -12.02
N PRO B 45 -2.73 9.55 -11.42
CA PRO B 45 -3.86 8.93 -12.14
C PRO B 45 -4.25 9.75 -13.35
N LYS B 46 -4.92 9.08 -14.30
CA LYS B 46 -5.48 9.69 -15.49
C LYS B 46 -6.97 9.39 -15.54
N LEU B 47 -7.77 10.37 -15.96
CA LEU B 47 -9.22 10.20 -16.08
C LEU B 47 -9.56 9.23 -17.19
N ILE B 48 -10.43 8.27 -16.89
CA ILE B 48 -10.92 7.29 -17.86
C ILE B 48 -12.39 7.53 -18.18
N ILE B 49 -13.23 7.71 -17.15
CA ILE B 49 -14.66 7.96 -17.30
C ILE B 49 -15.02 9.10 -16.36
N TYR B 50 -15.80 10.06 -16.85
CA TYR B 50 -16.35 11.09 -15.99
C TYR B 50 -17.86 11.10 -16.12
N THR B 51 -18.53 11.63 -15.07
CA THR B 51 -19.99 11.73 -15.06
C THR B 51 -20.67 10.42 -15.52
N ASN B 52 -20.33 9.33 -14.81
CA ASN B 52 -20.85 7.97 -15.03
C ASN B 52 -20.38 7.28 -16.30
N ASP B 53 -20.38 7.98 -17.44
CA ASP B 53 -20.28 7.27 -18.70
C ASP B 53 -19.64 8.05 -19.83
N GLN B 54 -18.97 9.17 -19.56
CA GLN B 54 -18.36 10.00 -20.60
C GLN B 54 -16.87 9.68 -20.69
N ARG B 55 -16.34 9.66 -21.91
CA ARG B 55 -14.91 9.42 -22.11
C ARG B 55 -14.20 10.70 -22.49
N PRO B 56 -13.11 11.06 -21.84
CA PRO B 56 -12.34 12.23 -22.29
C PRO B 56 -11.63 11.93 -23.60
N SER B 57 -11.22 13.01 -24.26
CA SER B 57 -10.41 12.87 -25.47
C SER B 57 -9.19 12.01 -25.16
N GLY B 58 -8.94 11.02 -26.01
CA GLY B 58 -7.76 10.21 -25.92
C GLY B 58 -7.96 8.86 -25.28
N VAL B 59 -9.07 8.63 -24.59
CA VAL B 59 -9.39 7.34 -24.02
C VAL B 59 -10.13 6.52 -25.09
N PRO B 60 -9.67 5.33 -25.43
CA PRO B 60 -10.31 4.59 -26.53
C PRO B 60 -11.69 4.10 -26.15
N ASP B 61 -12.53 3.89 -27.16
CA ASP B 61 -13.89 3.46 -26.87
C ASP B 61 -13.97 2.01 -26.42
N ARG B 62 -12.84 1.33 -26.27
CA ARG B 62 -12.84 0.04 -25.57
C ARG B 62 -13.22 0.19 -24.10
N PHE B 63 -13.14 1.41 -23.56
CA PHE B 63 -13.50 1.70 -22.19
C PHE B 63 -14.91 2.27 -22.14
N SER B 64 -15.75 1.71 -21.29
CA SER B 64 -17.08 2.31 -21.16
C SER B 64 -17.54 2.16 -19.73
N GLY B 65 -18.27 3.17 -19.26
CA GLY B 65 -18.75 3.21 -17.89
C GLY B 65 -20.27 3.22 -17.86
N SER B 66 -20.82 2.63 -16.82
CA SER B 66 -22.27 2.59 -16.62
C SER B 66 -22.55 2.60 -15.13
N LYS B 67 -23.79 2.93 -14.78
CA LYS B 67 -24.18 2.96 -13.39
C LYS B 67 -25.64 2.55 -13.30
N SER B 68 -25.95 1.73 -12.31
CA SER B 68 -27.33 1.35 -12.06
C SER B 68 -27.52 1.16 -10.57
N GLY B 69 -28.49 1.86 -10.00
CA GLY B 69 -28.71 1.77 -8.57
C GLY B 69 -27.49 2.25 -7.82
N THR B 70 -27.05 1.45 -6.85
CA THR B 70 -25.92 1.83 -6.02
C THR B 70 -24.59 1.27 -6.51
N SER B 71 -24.54 0.77 -7.74
CA SER B 71 -23.30 0.20 -8.28
C SER B 71 -22.97 0.84 -9.61
N ALA B 72 -21.67 0.88 -9.90
CA ALA B 72 -21.13 1.33 -11.18
C ALA B 72 -20.17 0.28 -11.70
N SER B 73 -19.93 0.30 -13.01
CA SER B 73 -18.99 -0.67 -13.55
C SER B 73 -18.23 -0.04 -14.71
N LEU B 74 -16.96 -0.42 -14.82
CA LEU B 74 -16.10 -0.03 -15.93
C LEU B 74 -15.83 -1.27 -16.75
N ALA B 75 -16.22 -1.24 -18.03
CA ALA B 75 -16.00 -2.34 -18.96
C ALA B 75 -14.81 -2.03 -19.85
N ILE B 76 -13.91 -3.00 -20.01
CA ILE B 76 -12.74 -2.85 -20.87
C ILE B 76 -12.73 -4.02 -21.84
N SER B 77 -12.85 -3.74 -23.14
CA SER B 77 -12.78 -4.78 -24.16
C SER B 77 -11.42 -4.76 -24.84
N GLY B 78 -11.06 -5.88 -25.45
CA GLY B 78 -9.80 -5.99 -26.17
C GLY B 78 -8.57 -5.65 -25.34
N LEU B 79 -8.44 -6.28 -24.17
CA LEU B 79 -7.35 -5.98 -23.24
C LEU B 79 -5.98 -5.97 -23.92
N ARG B 80 -5.21 -4.92 -23.66
CA ARG B 80 -3.84 -4.79 -24.14
C ARG B 80 -2.93 -4.40 -22.98
N SER B 81 -1.63 -4.54 -23.21
CA SER B 81 -0.64 -4.26 -22.18
C SER B 81 -0.79 -2.85 -21.60
N GLU B 82 -1.07 -1.85 -22.44
CA GLU B 82 -1.16 -0.51 -21.89
C GLU B 82 -2.35 -0.32 -20.97
N ASP B 83 -3.28 -1.28 -20.91
CA ASP B 83 -4.39 -1.19 -19.97
C ASP B 83 -4.03 -1.61 -18.56
N GLU B 84 -2.94 -2.34 -18.36
CA GLU B 84 -2.61 -2.83 -17.03
C GLU B 84 -2.30 -1.65 -16.11
N GLY B 85 -2.58 -1.83 -14.84
CA GLY B 85 -2.38 -0.81 -13.85
C GLY B 85 -3.50 -0.89 -12.84
N ASP B 86 -3.64 0.17 -12.05
CA ASP B 86 -4.68 0.21 -11.01
C ASP B 86 -5.83 1.10 -11.46
N TYR B 87 -7.04 0.64 -11.22
CA TYR B 87 -8.23 1.40 -11.57
C TYR B 87 -8.98 1.77 -10.31
N TYR B 88 -9.36 3.04 -10.19
CA TYR B 88 -10.10 3.54 -9.03
C TYR B 88 -11.40 4.19 -9.48
N CYS B 89 -12.49 3.93 -8.74
CA CYS B 89 -13.73 4.67 -8.90
C CYS B 89 -13.82 5.74 -7.81
N ALA B 90 -14.63 6.78 -8.08
CA ALA B 90 -14.81 7.83 -7.09
C ALA B 90 -16.22 8.41 -7.23
N ALA B 91 -16.74 8.91 -6.11
CA ALA B 91 -18.03 9.59 -6.16
C ALA B 91 -18.19 10.46 -4.93
N TRP B 92 -18.95 11.54 -5.08
CA TRP B 92 -19.34 12.36 -3.93
C TRP B 92 -20.30 11.58 -3.04
N ASP B 93 -20.16 11.77 -1.74
CA ASP B 93 -21.08 11.17 -0.77
C ASP B 93 -21.77 12.29 -0.01
N ASP B 94 -23.10 12.33 -0.10
CA ASP B 94 -23.84 13.44 0.50
C ASP B 94 -23.81 13.41 2.02
N SER B 95 -23.81 12.22 2.63
CA SER B 95 -23.85 12.17 4.09
C SER B 95 -22.51 12.62 4.70
N LEU B 96 -21.41 12.44 3.97
CA LEU B 96 -20.08 12.80 4.46
C LEU B 96 -19.56 14.11 3.90
N SER B 97 -20.24 14.68 2.90
CA SER B 97 -19.74 15.88 2.22
C SER B 97 -18.28 15.69 1.82
N SER B 98 -18.02 14.59 1.11
CA SER B 98 -16.66 14.15 0.81
C SER B 98 -16.67 13.38 -0.50
N VAL B 99 -15.55 13.44 -1.23
CA VAL B 99 -15.31 12.53 -2.35
C VAL B 99 -14.74 11.24 -1.80
N LEU B 100 -15.41 10.12 -2.06
CA LEU B 100 -14.91 8.80 -1.73
C LEU B 100 -14.22 8.17 -2.94
N PHE B 101 -13.17 7.41 -2.66
CA PHE B 101 -12.50 6.56 -3.65
C PHE B 101 -12.67 5.10 -3.27
N GLY B 102 -12.92 4.25 -4.27
CA GLY B 102 -12.78 2.82 -4.06
C GLY B 102 -11.34 2.46 -3.74
N GLY B 103 -11.16 1.22 -3.28
CA GLY B 103 -9.84 0.81 -2.84
C GLY B 103 -8.84 0.48 -3.95
N GLY B 104 -9.28 0.50 -5.20
CA GLY B 104 -8.40 0.17 -6.29
C GLY B 104 -8.53 -1.27 -6.76
N THR B 105 -8.57 -1.47 -8.08
CA THR B 105 -8.55 -2.80 -8.68
C THR B 105 -7.31 -2.88 -9.57
N LYS B 106 -6.47 -3.87 -9.31
CA LYS B 106 -5.33 -4.12 -10.18
C LYS B 106 -5.79 -4.91 -11.39
N LEU B 107 -5.56 -4.38 -12.58
CA LEU B 107 -5.88 -5.07 -13.81
C LEU B 107 -4.61 -5.74 -14.36
N THR B 108 -4.67 -7.05 -14.54
CA THR B 108 -3.54 -7.83 -15.05
C THR B 108 -3.93 -8.45 -16.38
N VAL B 109 -3.06 -8.30 -17.38
CA VAL B 109 -3.16 -9.07 -18.61
C VAL B 109 -2.39 -10.37 -18.33
N LEU B 110 -3.10 -11.49 -18.32
CA LEU B 110 -2.51 -12.75 -17.86
C LEU B 110 -1.44 -13.26 -18.82
N ARG B 111 -0.24 -13.52 -18.28
CA ARG B 111 0.90 -13.98 -19.05
C ARG B 111 1.33 -15.38 -18.67
N GLN B 112 0.78 -15.93 -17.58
CA GLN B 112 1.17 -17.21 -17.02
C GLN B 112 -0.03 -17.74 -16.25
N PRO B 113 -0.04 -19.02 -15.90
CA PRO B 113 -1.20 -19.56 -15.20
C PRO B 113 -1.39 -18.91 -13.84
N LYS B 114 -2.64 -18.84 -13.40
CA LYS B 114 -2.90 -18.35 -12.06
C LYS B 114 -2.32 -19.31 -11.02
N ALA B 115 -1.97 -18.76 -9.86
CA ALA B 115 -1.30 -19.54 -8.83
C ALA B 115 -1.74 -19.04 -7.47
N ALA B 116 -2.15 -19.96 -6.61
CA ALA B 116 -2.64 -19.64 -5.28
C ALA B 116 -1.49 -19.42 -4.31
N PRO B 117 -1.61 -18.48 -3.36
CA PRO B 117 -0.49 -18.20 -2.46
C PRO B 117 -0.32 -19.26 -1.38
N SER B 118 0.92 -19.44 -0.97
CA SER B 118 1.21 -20.10 0.29
C SER B 118 1.63 -19.03 1.29
N VAL B 119 1.33 -19.30 2.57
CA VAL B 119 1.47 -18.32 3.62
C VAL B 119 2.33 -18.91 4.72
N THR B 120 3.33 -18.14 5.18
CA THR B 120 4.15 -18.51 6.32
C THR B 120 4.01 -17.41 7.35
N LEU B 121 3.73 -17.78 8.60
CA LEU B 121 3.50 -16.81 9.66
C LEU B 121 4.50 -17.07 10.78
N PHE B 122 5.38 -16.07 11.04
CA PHE B 122 6.37 -16.14 12.10
C PHE B 122 5.86 -15.40 13.33
N PRO B 123 5.93 -16.02 14.51
CA PRO B 123 5.62 -15.29 15.74
C PRO B 123 6.78 -14.37 16.10
N PRO B 124 6.62 -13.48 17.09
CA PRO B 124 7.75 -12.64 17.49
C PRO B 124 8.91 -13.47 18.02
N SER B 125 10.12 -13.02 17.75
CA SER B 125 11.31 -13.72 18.21
C SER B 125 11.54 -13.46 19.68
N SER B 126 12.15 -14.42 20.36
CA SER B 126 12.55 -14.22 21.75
C SER B 126 13.40 -12.95 21.88
N GLU B 127 14.33 -12.75 20.93
CA GLU B 127 15.15 -11.54 20.90
C GLU B 127 14.31 -10.29 20.95
N GLU B 128 13.31 -10.19 20.07
CA GLU B 128 12.50 -8.97 19.99
C GLU B 128 11.66 -8.80 21.25
N LEU B 129 11.10 -9.89 21.77
CA LEU B 129 10.29 -9.81 22.98
C LEU B 129 11.10 -9.29 24.16
N GLN B 130 12.37 -9.67 24.24
CA GLN B 130 13.20 -9.17 25.33
C GLN B 130 13.53 -7.70 25.16
N ALA B 131 13.39 -7.17 23.94
CA ALA B 131 13.47 -5.75 23.65
C ALA B 131 12.14 -5.04 23.87
N ASN B 132 11.17 -5.72 24.50
CA ASN B 132 9.86 -5.16 24.85
C ASN B 132 9.03 -4.78 23.60
N LYS B 133 9.22 -5.50 22.51
CA LYS B 133 8.47 -5.31 21.29
C LYS B 133 8.01 -6.66 20.76
N ALA B 134 7.09 -6.65 19.81
CA ALA B 134 6.59 -7.90 19.24
C ALA B 134 6.04 -7.62 17.86
N THR B 135 6.55 -8.34 16.86
CA THR B 135 6.06 -8.22 15.50
C THR B 135 5.73 -9.60 14.98
N LEU B 136 4.52 -9.77 14.46
CA LEU B 136 4.15 -10.97 13.72
C LEU B 136 4.45 -10.70 12.25
N VAL B 137 5.01 -11.70 11.57
CA VAL B 137 5.49 -11.52 10.20
C VAL B 137 4.79 -12.55 9.32
N CYS B 138 3.96 -12.08 8.40
CA CYS B 138 3.17 -12.92 7.52
C CYS B 138 3.75 -12.79 6.12
N LEU B 139 4.33 -13.88 5.61
CA LEU B 139 4.99 -13.88 4.32
C LEU B 139 4.14 -14.69 3.35
N ILE B 140 3.90 -14.10 2.18
CA ILE B 140 2.95 -14.62 1.21
C ILE B 140 3.72 -14.84 -0.08
N SER B 141 3.63 -16.05 -0.64
CA SER B 141 4.53 -16.38 -1.74
C SER B 141 3.81 -17.12 -2.86
N ASP B 142 4.43 -17.09 -4.04
CA ASP B 142 4.09 -17.95 -5.18
C ASP B 142 2.68 -17.72 -5.72
N PHE B 143 2.22 -16.47 -5.81
CA PHE B 143 0.88 -16.25 -6.33
C PHE B 143 0.89 -15.42 -7.61
N TYR B 144 -0.19 -15.58 -8.38
CA TYR B 144 -0.40 -14.87 -9.62
C TYR B 144 -1.89 -14.90 -9.92
N PRO B 145 -2.52 -13.77 -10.28
CA PRO B 145 -1.98 -12.41 -10.45
C PRO B 145 -1.51 -11.79 -9.14
N GLY B 146 -0.74 -10.71 -9.25
CA GLY B 146 -0.08 -10.13 -8.10
C GLY B 146 -0.91 -9.14 -7.29
N ALA B 147 -2.03 -9.61 -6.74
CA ALA B 147 -2.88 -8.76 -5.91
C ALA B 147 -3.52 -9.64 -4.84
N VAL B 148 -3.38 -9.23 -3.58
CA VAL B 148 -3.99 -9.95 -2.46
C VAL B 148 -4.55 -8.92 -1.46
N THR B 149 -5.45 -9.41 -0.61
CA THR B 149 -5.95 -8.69 0.56
C THR B 149 -5.45 -9.42 1.80
N VAL B 150 -4.95 -8.68 2.78
CA VAL B 150 -4.49 -9.29 4.02
C VAL B 150 -5.29 -8.71 5.18
N ALA B 151 -5.73 -9.59 6.06
CA ALA B 151 -6.46 -9.23 7.26
C ALA B 151 -5.88 -10.00 8.42
N TRP B 152 -5.95 -9.42 9.61
CA TRP B 152 -5.40 -10.04 10.81
C TRP B 152 -6.50 -10.25 11.83
N LYS B 153 -6.35 -11.30 12.65
CA LYS B 153 -7.27 -11.58 13.73
C LYS B 153 -6.49 -11.80 15.02
N ALA B 154 -7.01 -11.26 16.11
CA ALA B 154 -6.61 -11.63 17.46
C ALA B 154 -7.67 -12.57 18.01
N ASP B 155 -7.27 -13.81 18.31
CA ASP B 155 -8.23 -14.89 18.52
C ASP B 155 -9.15 -14.96 17.32
N SER B 156 -10.43 -14.63 17.50
CA SER B 156 -11.40 -14.71 16.42
C SER B 156 -11.93 -13.35 15.99
N SER B 157 -11.32 -12.25 16.45
CA SER B 157 -11.79 -10.91 16.15
C SER B 157 -10.82 -10.18 15.24
N PRO B 158 -11.30 -9.43 14.26
CA PRO B 158 -10.40 -8.68 13.39
C PRO B 158 -9.64 -7.60 14.17
N VAL B 159 -8.39 -7.40 13.78
CA VAL B 159 -7.57 -6.32 14.31
C VAL B 159 -7.02 -5.52 13.13
N LYS B 160 -7.26 -4.21 13.15
CA LYS B 160 -6.80 -3.32 12.09
C LYS B 160 -5.61 -2.47 12.50
N ALA B 161 -5.50 -2.12 13.78
CA ALA B 161 -4.40 -1.29 14.25
C ALA B 161 -3.08 -2.07 14.18
N GLY B 162 -2.01 -1.36 13.83
CA GLY B 162 -0.68 -1.94 13.89
C GLY B 162 -0.30 -2.79 12.70
N VAL B 163 -1.02 -2.68 11.58
CA VAL B 163 -0.83 -3.54 10.42
C VAL B 163 -0.11 -2.75 9.34
N GLU B 164 0.92 -3.35 8.73
CA GLU B 164 1.55 -2.79 7.54
C GLU B 164 1.74 -3.92 6.52
N THR B 165 1.41 -3.64 5.25
CA THR B 165 1.47 -4.64 4.21
C THR B 165 2.19 -4.09 2.99
N THR B 166 3.09 -4.87 2.41
CA THR B 166 3.80 -4.39 1.22
C THR B 166 3.00 -4.67 -0.05
N THR B 167 3.29 -3.90 -1.08
CA THR B 167 2.76 -4.16 -2.41
C THR B 167 3.49 -5.37 -3.00
N PRO B 168 2.77 -6.29 -3.66
CA PRO B 168 3.44 -7.50 -4.16
C PRO B 168 4.51 -7.15 -5.18
N SER B 169 5.60 -7.92 -5.15
CA SER B 169 6.63 -7.78 -6.17
C SER B 169 7.07 -9.17 -6.59
N LYS B 170 7.80 -9.23 -7.69
CA LYS B 170 8.12 -10.50 -8.32
C LYS B 170 9.21 -11.24 -7.58
N GLN B 171 9.03 -12.56 -7.46
CA GLN B 171 10.02 -13.49 -6.97
C GLN B 171 10.93 -13.93 -8.12
N SER B 172 12.00 -14.64 -7.76
CA SER B 172 12.90 -15.13 -8.79
C SER B 172 12.20 -16.12 -9.72
N ASN B 173 11.13 -16.79 -9.29
CA ASN B 173 10.44 -17.74 -10.15
C ASN B 173 9.29 -17.12 -10.94
N ASN B 174 9.24 -15.79 -11.02
CA ASN B 174 8.31 -15.03 -11.87
C ASN B 174 6.90 -15.01 -11.30
N LYS B 175 6.67 -15.56 -10.12
CA LYS B 175 5.43 -15.33 -9.40
C LYS B 175 5.65 -14.19 -8.41
N TYR B 176 4.58 -13.80 -7.71
CA TYR B 176 4.61 -12.69 -6.78
C TYR B 176 4.69 -13.12 -5.32
N ALA B 177 5.23 -12.22 -4.50
CA ALA B 177 5.28 -12.39 -3.05
C ALA B 177 4.83 -11.09 -2.40
N ALA B 178 4.36 -11.18 -1.16
CA ALA B 178 4.03 -9.98 -0.40
C ALA B 178 4.25 -10.27 1.07
N SER B 179 4.31 -9.21 1.86
CA SER B 179 4.53 -9.37 3.30
C SER B 179 3.55 -8.49 4.04
N SER B 180 3.19 -8.91 5.25
CA SER B 180 2.36 -8.13 6.13
C SER B 180 2.86 -8.30 7.56
N TYR B 181 2.73 -7.25 8.35
CA TYR B 181 3.24 -7.23 9.71
C TYR B 181 2.14 -6.79 10.65
N LEU B 182 2.10 -7.41 11.83
CA LEU B 182 1.23 -6.96 12.90
C LEU B 182 2.09 -6.62 14.10
N SER B 183 2.07 -5.35 14.52
CA SER B 183 2.83 -4.92 15.69
C SER B 183 1.97 -4.99 16.95
N LEU B 184 2.46 -5.69 17.98
CA LEU B 184 1.77 -5.86 19.25
C LEU B 184 2.71 -5.48 20.39
N THR B 185 2.13 -5.29 21.57
CA THR B 185 2.98 -5.28 22.75
C THR B 185 3.25 -6.71 23.20
N PRO B 186 4.35 -6.94 23.93
CA PRO B 186 4.55 -8.28 24.50
C PRO B 186 3.36 -8.73 25.32
N GLU B 187 2.63 -7.78 25.93
CA GLU B 187 1.47 -8.11 26.74
C GLU B 187 0.35 -8.70 25.88
N GLN B 188 0.00 -8.01 24.79
CA GLN B 188 -1.08 -8.50 23.93
C GLN B 188 -0.76 -9.88 23.37
N TRP B 189 0.48 -10.06 22.91
CA TRP B 189 0.87 -11.35 22.34
C TRP B 189 0.70 -12.49 23.34
N LYS B 190 1.09 -12.26 24.60
CA LYS B 190 0.95 -13.33 25.59
C LYS B 190 -0.48 -13.49 26.11
N SER B 191 -1.34 -12.47 25.98
CA SER B 191 -2.65 -12.52 26.61
C SER B 191 -3.73 -13.11 25.71
N HIS B 192 -3.52 -13.14 24.39
CA HIS B 192 -4.48 -13.78 23.50
C HIS B 192 -4.12 -15.25 23.30
N ARG B 193 -5.13 -16.03 22.89
CA ARG B 193 -4.86 -17.44 22.62
C ARG B 193 -4.16 -17.65 21.29
N SER B 194 -4.49 -16.84 20.29
CA SER B 194 -3.91 -17.04 18.98
C SER B 194 -3.96 -15.73 18.20
N TYR B 195 -3.15 -15.67 17.16
CA TYR B 195 -3.26 -14.64 16.13
C TYR B 195 -3.22 -15.29 14.76
N SER B 196 -3.91 -14.70 13.80
CA SER B 196 -4.01 -15.26 12.46
C SER B 196 -3.78 -14.16 11.42
N CYS B 197 -3.12 -14.51 10.30
CA CYS B 197 -3.17 -13.66 9.11
C CYS B 197 -3.96 -14.38 8.03
N GLN B 198 -4.91 -13.66 7.43
CA GLN B 198 -5.78 -14.17 6.37
C GLN B 198 -5.40 -13.50 5.05
N VAL B 199 -5.22 -14.30 4.02
CA VAL B 199 -4.79 -13.80 2.71
C VAL B 199 -5.87 -14.17 1.70
N THR B 200 -6.45 -13.16 1.06
CA THR B 200 -7.49 -13.39 0.07
C THR B 200 -6.91 -13.18 -1.32
N HIS B 201 -7.06 -14.20 -2.16
CA HIS B 201 -6.54 -14.17 -3.51
C HIS B 201 -7.59 -14.76 -4.43
N GLU B 202 -8.07 -13.95 -5.37
CA GLU B 202 -9.17 -14.35 -6.27
C GLU B 202 -10.33 -14.79 -5.39
N GLY B 203 -10.76 -16.05 -5.44
CA GLY B 203 -11.88 -16.56 -4.64
C GLY B 203 -11.50 -17.57 -3.57
N SER B 204 -10.27 -17.49 -3.08
CA SER B 204 -9.84 -18.25 -1.92
C SER B 204 -9.39 -17.28 -0.84
N THR B 205 -9.58 -17.68 0.41
CA THR B 205 -8.88 -17.07 1.52
C THR B 205 -8.14 -18.19 2.22
N VAL B 206 -6.85 -17.98 2.47
CA VAL B 206 -6.02 -18.89 3.24
C VAL B 206 -5.62 -18.19 4.51
N GLU B 207 -5.73 -18.88 5.65
CA GLU B 207 -5.47 -18.30 6.94
C GLU B 207 -4.45 -19.16 7.68
N LYS B 208 -3.42 -18.54 8.23
CA LYS B 208 -2.45 -19.22 9.06
C LYS B 208 -2.53 -18.65 10.46
N THR B 209 -2.34 -19.50 11.46
CA THR B 209 -2.45 -19.12 12.85
C THR B 209 -1.21 -19.52 13.63
N VAL B 210 -0.84 -18.68 14.62
CA VAL B 210 0.21 -19.00 15.59
C VAL B 210 -0.30 -18.70 16.99
N ALA B 211 0.24 -19.43 17.96
CA ALA B 211 -0.15 -19.26 19.36
C ALA B 211 1.08 -19.07 20.22
N PRO B 212 1.00 -18.23 21.26
CA PRO B 212 2.17 -18.02 22.13
C PRO B 212 2.57 -19.23 22.94
N THR B 213 1.72 -20.26 23.03
CA THR B 213 1.99 -21.41 23.86
C THR B 213 2.54 -22.60 23.08
N GLU B 214 2.84 -22.42 21.78
CA GLU B 214 3.19 -23.52 20.90
C GLU B 214 4.42 -23.15 20.07
N CYS B 215 4.93 -24.13 19.32
CA CYS B 215 6.09 -23.92 18.47
C CYS B 215 5.68 -23.26 17.14
C1 EDO C . -15.26 17.50 -6.30
O1 EDO C . -15.29 18.40 -7.38
C2 EDO C . -16.58 17.54 -5.59
O2 EDO C . -17.56 16.96 -6.43
C1 EDO D . -16.36 17.88 -14.81
O1 EDO D . -16.12 16.52 -14.44
C2 EDO D . -16.34 18.02 -16.30
O2 EDO D . -17.19 17.04 -16.86
C1 EDO E . -19.36 14.40 -8.58
O1 EDO E . -19.00 15.45 -7.74
C2 EDO E . -18.73 13.15 -8.02
O2 EDO E . -19.75 12.37 -7.45
#